data_6KHE
#
_entry.id   6KHE
#
_cell.length_a   75.627
_cell.length_b   75.627
_cell.length_c   161.825
_cell.angle_alpha   90.000
_cell.angle_beta   90.000
_cell.angle_gamma   90.000
#
_symmetry.space_group_name_H-M   'P 43 21 2'
#
loop_
_entity.id
_entity.type
_entity.pdbx_description
1 polymer 'Dual specificity protein kinase CLK2'
2 non-polymer '5-[(3-chlorophenyl)amino]benzo[c][2,6]naphthyridine-8-carboxylic acid'
3 water water
#
_entity_poly.entity_id   1
_entity_poly.type   'polypeptide(L)'
_entity_poly.pdbx_seq_one_letter_code
;MPHPRRYHSSERGSRGSYREHYRSRKHKRRRSRSWSSSSDRTRRRRREDSYHVRSRSSYDDRSSDRRVYDRRYCGSYRRN
DYSRDRGDAYYDTDYRHSYEYQRENSSYRSQRSSRRKHRRRRRRSRTFSRSSSQHSSRRAKSVEDDAEGHLIYHVGDWLQ
ERYEIVSTLGEGTFGRVVQCVDHRRGGARVALKIIKNVEKYKEAARLEINVLEKINEKDPDNKNLCVQMFDWFDYHGHMC
ISFELLGLSTFDFLKDNNYLPYPIHQVRHMAFQLCQAVKFLHDNKLTHTDLKPENILFVNSDYELTYNLEKKRDERSVKS
TAVRVVDFGSATFDHEHHSTIVSTRHYRAPEVILELGWSQPCDVWSIGCIIFEYYVGFTLFQTHDNREHLAMMERILGPI
PSRMIRKTRKQKYFYRGRLDWDENTSAGRYVRENCKPLRRYLTSEAEEHHQLFDLIESMLEYEPAKRLTLGEALQHPFFA
RLRAEPPNKLWDSSRDISR
;
_entity_poly.pdbx_strand_id   A
#
loop_
_chem_comp.id
_chem_comp.type
_chem_comp.name
_chem_comp.formula
3NG non-polymer '5-[(3-chlorophenyl)amino]benzo[c][2,6]naphthyridine-8-carboxylic acid' 'C19 H12 Cl N3 O2'
#
# COMPACT_ATOMS: atom_id res chain seq x y z
N GLU A 144 -11.34 -30.95 -7.77
CA GLU A 144 -9.97 -30.92 -8.25
C GLU A 144 -9.15 -29.86 -7.48
N ASP A 145 -8.73 -30.21 -6.27
CA ASP A 145 -8.31 -29.22 -5.29
C ASP A 145 -6.98 -29.55 -4.66
N ASP A 146 -6.21 -28.49 -4.37
CA ASP A 146 -4.97 -28.56 -3.64
C ASP A 146 -5.23 -28.96 -2.19
N ALA A 147 -4.16 -29.36 -1.51
CA ALA A 147 -4.20 -29.77 -0.11
C ALA A 147 -4.38 -28.59 0.83
N GLU A 148 -4.27 -27.36 0.34
CA GLU A 148 -4.56 -26.17 1.12
C GLU A 148 -5.69 -25.35 0.52
N GLY A 149 -6.46 -25.93 -0.39
CA GLY A 149 -7.65 -25.30 -0.92
C GLY A 149 -7.54 -24.72 -2.32
N HIS A 150 -6.32 -24.57 -2.85
CA HIS A 150 -6.11 -23.91 -4.14
C HIS A 150 -6.68 -24.75 -5.28
N LEU A 151 -6.99 -24.08 -6.39
CA LEU A 151 -7.36 -24.79 -7.60
C LEU A 151 -6.13 -25.47 -8.16
N ILE A 152 -6.33 -26.68 -8.69
CA ILE A 152 -5.26 -27.42 -9.37
C ILE A 152 -5.40 -27.13 -10.87
N TYR A 153 -4.45 -26.39 -11.42
CA TYR A 153 -4.48 -26.03 -12.83
C TYR A 153 -3.10 -26.26 -13.41
N HIS A 154 -3.03 -26.31 -14.74
CA HIS A 154 -1.78 -26.26 -15.48
C HIS A 154 -1.91 -25.25 -16.60
N VAL A 155 -0.77 -24.86 -17.17
CA VAL A 155 -0.81 -24.01 -18.36
C VAL A 155 -1.71 -24.67 -19.40
N GLY A 156 -2.59 -23.86 -20.01
CA GLY A 156 -3.45 -24.37 -21.05
C GLY A 156 -4.81 -24.87 -20.59
N ASP A 157 -5.03 -25.04 -19.29
CA ASP A 157 -6.38 -25.32 -18.80
C ASP A 157 -7.30 -24.17 -19.13
N TRP A 158 -8.58 -24.48 -19.29
CA TRP A 158 -9.61 -23.48 -19.54
C TRP A 158 -10.59 -23.39 -18.37
N LEU A 159 -11.15 -22.20 -18.19
CA LEU A 159 -12.07 -21.93 -17.09
C LEU A 159 -13.37 -21.40 -17.68
N GLN A 160 -14.48 -22.05 -17.32
CA GLN A 160 -15.80 -21.71 -17.86
C GLN A 160 -15.73 -21.58 -19.37
N GLU A 161 -14.94 -22.46 -20.01
CA GLU A 161 -14.61 -22.46 -21.43
C GLU A 161 -14.58 -21.04 -22.01
N ARG A 162 -13.83 -20.17 -21.33
CA ARG A 162 -13.82 -18.73 -21.57
C ARG A 162 -12.43 -18.15 -21.34
N TYR A 163 -11.81 -18.53 -20.23
CA TYR A 163 -10.46 -18.08 -19.91
C TYR A 163 -9.49 -19.21 -20.22
N GLU A 164 -8.25 -18.85 -20.53
CA GLU A 164 -7.24 -19.83 -20.91
C GLU A 164 -5.93 -19.45 -20.21
N ILE A 165 -5.43 -20.35 -19.38
CA ILE A 165 -4.29 -20.00 -18.54
C ILE A 165 -3.03 -19.91 -19.40
N VAL A 166 -2.20 -18.93 -19.10
CA VAL A 166 -0.93 -18.73 -19.77
C VAL A 166 0.22 -18.88 -18.76
N SER A 167 0.15 -18.15 -17.66
CA SER A 167 1.21 -18.23 -16.67
C SER A 167 0.64 -18.00 -15.28
N THR A 168 1.50 -18.18 -14.30
CA THR A 168 1.20 -17.77 -12.94
C THR A 168 1.98 -16.49 -12.66
N LEU A 169 1.29 -15.52 -12.07
CA LEU A 169 1.91 -14.25 -11.71
C LEU A 169 2.40 -14.22 -10.28
N GLY A 170 1.69 -14.87 -9.36
CA GLY A 170 2.19 -15.04 -8.02
C GLY A 170 1.19 -15.78 -7.17
N GLU A 171 1.48 -15.85 -5.88
CA GLU A 171 0.49 -16.43 -4.96
C GLU A 171 0.56 -15.70 -3.62
N GLY A 172 -0.50 -15.89 -2.84
CA GLY A 172 -0.53 -15.37 -1.49
C GLY A 172 -1.26 -16.33 -0.57
N THR A 173 -1.62 -15.88 0.62
CA THR A 173 -2.41 -16.74 1.50
C THR A 173 -3.77 -17.04 0.89
N PHE A 174 -4.35 -16.07 0.18
CA PHE A 174 -5.72 -16.20 -0.29
C PHE A 174 -5.87 -17.16 -1.48
N GLY A 175 -4.81 -17.34 -2.27
CA GLY A 175 -4.91 -18.06 -3.53
C GLY A 175 -3.85 -17.61 -4.51
N ARG A 176 -4.10 -17.91 -5.79
CA ARG A 176 -3.15 -17.70 -6.88
C ARG A 176 -3.70 -16.70 -7.89
N VAL A 177 -2.82 -15.85 -8.43
CA VAL A 177 -3.14 -14.96 -9.56
C VAL A 177 -2.50 -15.51 -10.83
N VAL A 178 -3.32 -15.79 -11.84
CA VAL A 178 -2.87 -16.36 -13.10
C VAL A 178 -3.09 -15.37 -14.24
N GLN A 179 -2.16 -15.37 -15.19
CA GLN A 179 -2.38 -14.64 -16.43
C GLN A 179 -3.23 -15.48 -17.38
N CYS A 180 -4.24 -14.84 -17.96
CA CYS A 180 -5.24 -15.54 -18.74
C CYS A 180 -5.54 -14.74 -20.00
N VAL A 181 -5.94 -15.46 -21.03
CA VAL A 181 -6.57 -14.87 -22.21
C VAL A 181 -8.08 -15.04 -22.05
N ASP A 182 -8.84 -13.98 -22.35
CA ASP A 182 -10.29 -14.00 -22.18
C ASP A 182 -10.90 -14.01 -23.56
N HIS A 183 -11.28 -15.20 -24.02
CA HIS A 183 -11.80 -15.32 -25.37
C HIS A 183 -13.21 -14.76 -25.53
N ARG A 184 -13.89 -14.29 -24.48
CA ARG A 184 -15.15 -13.61 -24.70
C ARG A 184 -15.01 -12.10 -24.74
N ARG A 185 -13.91 -11.58 -24.21
CA ARG A 185 -13.52 -10.19 -24.47
C ARG A 185 -12.54 -10.11 -25.65
N GLY A 186 -12.79 -10.85 -26.72
CA GLY A 186 -11.95 -10.77 -27.91
C GLY A 186 -10.48 -11.03 -27.66
N GLY A 187 -10.17 -11.92 -26.74
CA GLY A 187 -8.77 -12.23 -26.51
C GLY A 187 -8.01 -11.19 -25.72
N ALA A 188 -8.69 -10.33 -24.98
CA ALA A 188 -7.98 -9.46 -24.05
C ALA A 188 -7.26 -10.29 -22.99
N ARG A 189 -6.02 -9.91 -22.68
CA ARG A 189 -5.30 -10.55 -21.60
C ARG A 189 -5.76 -10.02 -20.24
N VAL A 190 -6.11 -10.93 -19.33
CA VAL A 190 -6.58 -10.59 -17.98
C VAL A 190 -5.65 -11.20 -16.94
N ALA A 191 -5.78 -10.73 -15.71
CA ALA A 191 -5.22 -11.42 -14.55
C ALA A 191 -6.37 -11.94 -13.69
N LEU A 192 -6.47 -13.26 -13.58
CA LEU A 192 -7.50 -13.93 -12.80
C LEU A 192 -6.95 -14.30 -11.43
N LYS A 193 -7.70 -13.96 -10.39
CA LYS A 193 -7.37 -14.33 -9.02
C LYS A 193 -8.18 -15.55 -8.68
N ILE A 194 -7.53 -16.59 -8.19
CA ILE A 194 -8.20 -17.84 -7.85
C ILE A 194 -8.03 -18.10 -6.36
N ILE A 195 -9.12 -17.99 -5.63
CA ILE A 195 -9.09 -18.08 -4.17
C ILE A 195 -9.58 -19.46 -3.76
N LYS A 196 -9.04 -19.95 -2.64
CA LYS A 196 -9.22 -21.33 -2.20
C LYS A 196 -10.70 -21.65 -1.95
N ASN A 197 -10.94 -22.95 -1.75
CA ASN A 197 -12.30 -23.44 -1.49
C ASN A 197 -12.76 -23.14 -0.07
N VAL A 198 -11.81 -23.03 0.88
CA VAL A 198 -12.01 -22.39 2.19
C VAL A 198 -13.14 -21.38 2.20
N GLU A 199 -14.07 -21.50 3.16
CA GLU A 199 -15.19 -20.57 3.18
C GLU A 199 -14.76 -19.15 3.55
N LYS A 200 -13.93 -18.99 4.59
CA LYS A 200 -13.68 -17.63 5.07
C LYS A 200 -13.08 -16.77 3.96
N TYR A 201 -12.28 -17.36 3.08
CA TYR A 201 -11.75 -16.64 1.92
C TYR A 201 -12.83 -16.41 0.87
N LYS A 202 -13.67 -17.42 0.62
CA LYS A 202 -14.79 -17.22 -0.28
C LYS A 202 -15.64 -16.04 0.16
N GLU A 203 -15.89 -15.93 1.47
CA GLU A 203 -16.73 -14.85 1.98
C GLU A 203 -15.95 -13.54 1.96
N ALA A 204 -14.66 -13.60 2.28
CA ALA A 204 -13.82 -12.43 2.17
C ALA A 204 -13.87 -11.86 0.76
N ALA A 205 -13.71 -12.73 -0.25
CA ALA A 205 -13.71 -12.25 -1.63
C ALA A 205 -15.04 -11.61 -2.01
N ARG A 206 -16.15 -12.17 -1.52
CA ARG A 206 -17.46 -11.55 -1.77
C ARG A 206 -17.50 -10.10 -1.31
N LEU A 207 -16.85 -9.77 -0.20
CA LEU A 207 -16.82 -8.38 0.25
C LEU A 207 -15.98 -7.53 -0.68
N GLU A 208 -14.81 -8.05 -1.07
CA GLU A 208 -13.93 -7.36 -2.01
C GLU A 208 -14.62 -7.15 -3.35
N ILE A 209 -15.28 -8.19 -3.87
CA ILE A 209 -16.04 -8.06 -5.11
C ILE A 209 -17.05 -6.93 -5.01
N ASN A 210 -17.59 -6.69 -3.83
CA ASN A 210 -18.53 -5.59 -3.74
C ASN A 210 -17.82 -4.25 -3.85
N VAL A 211 -16.63 -4.15 -3.27
CA VAL A 211 -15.90 -2.89 -3.35
C VAL A 211 -15.47 -2.61 -4.77
N LEU A 212 -15.00 -3.64 -5.50
CA LEU A 212 -14.63 -3.46 -6.89
C LEU A 212 -15.84 -3.08 -7.73
N GLU A 213 -16.99 -3.66 -7.43
CA GLU A 213 -18.21 -3.25 -8.11
C GLU A 213 -18.45 -1.76 -7.92
N LYS A 214 -18.22 -1.24 -6.72
CA LYS A 214 -18.50 0.16 -6.51
C LYS A 214 -17.47 1.04 -7.17
N ILE A 215 -16.19 0.65 -7.12
CA ILE A 215 -15.19 1.39 -7.85
C ILE A 215 -15.59 1.49 -9.33
N ASN A 216 -15.98 0.36 -9.93
CA ASN A 216 -16.39 0.37 -11.33
C ASN A 216 -17.61 1.25 -11.56
N GLU A 217 -18.47 1.38 -10.56
CA GLU A 217 -19.67 2.17 -10.74
C GLU A 217 -19.37 3.66 -10.73
N LYS A 218 -18.39 4.09 -9.96
CA LYS A 218 -18.09 5.50 -9.77
C LYS A 218 -16.83 5.96 -10.52
N ASP A 219 -16.18 5.08 -11.28
CA ASP A 219 -15.16 5.47 -12.25
C ASP A 219 -15.50 4.83 -13.59
N PRO A 220 -16.52 5.37 -14.29
CA PRO A 220 -16.93 4.77 -15.56
C PRO A 220 -15.93 4.94 -16.68
N ASP A 221 -15.02 5.92 -16.58
CA ASP A 221 -14.02 6.18 -17.60
C ASP A 221 -12.62 5.74 -17.18
N ASN A 222 -12.51 5.02 -16.07
CA ASN A 222 -11.23 4.46 -15.60
C ASN A 222 -10.15 5.53 -15.49
N LYS A 223 -10.50 6.62 -14.80
CA LYS A 223 -9.55 7.71 -14.64
C LYS A 223 -8.93 7.81 -13.26
N ASN A 224 -9.42 7.08 -12.26
CA ASN A 224 -9.03 7.33 -10.87
C ASN A 224 -8.07 6.31 -10.29
N LEU A 225 -7.49 5.44 -11.11
CA LEU A 225 -6.21 4.79 -10.85
C LEU A 225 -6.27 3.65 -9.84
N CYS A 226 -7.48 3.14 -9.56
CA CYS A 226 -7.66 1.88 -8.84
C CYS A 226 -7.86 0.78 -9.85
N VAL A 227 -7.50 -0.44 -9.48
CA VAL A 227 -7.55 -1.55 -10.44
C VAL A 227 -8.97 -1.79 -10.91
N GLN A 228 -9.09 -2.27 -12.16
CA GLN A 228 -10.36 -2.54 -12.80
C GLN A 228 -10.70 -4.03 -12.70
N MET A 229 -11.91 -4.34 -12.27
CA MET A 229 -12.40 -5.70 -12.30
C MET A 229 -13.30 -5.85 -13.52
N PHE A 230 -12.96 -6.77 -14.42
CA PHE A 230 -13.80 -6.98 -15.58
C PHE A 230 -14.94 -7.95 -15.31
N ASP A 231 -14.74 -8.92 -14.41
CA ASP A 231 -15.72 -9.99 -14.18
C ASP A 231 -15.41 -10.73 -12.89
N TRP A 232 -16.36 -11.57 -12.47
CA TRP A 232 -16.20 -12.45 -11.32
C TRP A 232 -17.19 -13.60 -11.41
N PHE A 233 -16.76 -14.79 -10.99
CA PHE A 233 -17.62 -15.96 -11.07
C PHE A 233 -17.22 -16.98 -10.02
N ASP A 234 -18.22 -17.78 -9.60
CA ASP A 234 -18.02 -18.93 -8.74
C ASP A 234 -17.67 -20.14 -9.59
N TYR A 235 -16.50 -20.72 -9.36
CA TYR A 235 -16.00 -21.88 -10.10
C TYR A 235 -15.73 -23.00 -9.11
N HIS A 236 -16.78 -23.81 -8.85
CA HIS A 236 -16.66 -25.04 -8.04
C HIS A 236 -16.21 -24.71 -6.61
N GLY A 237 -16.77 -23.64 -6.04
CA GLY A 237 -16.39 -23.19 -4.72
C GLY A 237 -15.21 -22.25 -4.70
N HIS A 238 -14.49 -22.13 -5.81
CA HIS A 238 -13.42 -21.15 -5.96
C HIS A 238 -14.00 -19.84 -6.48
N MET A 239 -13.76 -18.76 -5.74
CA MET A 239 -14.13 -17.44 -6.20
C MET A 239 -13.04 -16.93 -7.13
N CYS A 240 -13.46 -16.48 -8.32
CA CYS A 240 -12.56 -16.00 -9.37
C CYS A 240 -12.91 -14.57 -9.76
N ILE A 241 -11.91 -13.70 -9.70
CA ILE A 241 -12.04 -12.29 -10.05
C ILE A 241 -11.13 -11.98 -11.23
N SER A 242 -11.67 -11.31 -12.26
CA SER A 242 -10.96 -11.00 -13.50
C SER A 242 -10.53 -9.53 -13.52
N PHE A 243 -9.22 -9.30 -13.36
CA PHE A 243 -8.63 -7.97 -13.38
C PHE A 243 -7.84 -7.69 -14.67
N GLU A 244 -7.80 -6.41 -15.05
CA GLU A 244 -6.89 -5.93 -16.08
C GLU A 244 -5.44 -6.29 -15.77
N LEU A 245 -4.70 -6.67 -16.81
CA LEU A 245 -3.32 -7.10 -16.63
C LEU A 245 -2.37 -5.92 -16.45
N LEU A 246 -1.61 -5.95 -15.35
CA LEU A 246 -0.62 -4.93 -15.00
C LEU A 246 0.74 -5.61 -14.82
N GLY A 247 1.72 -4.91 -14.24
CA GLY A 247 3.06 -5.44 -14.06
C GLY A 247 3.48 -5.67 -12.62
N LEU A 248 4.79 -5.77 -12.39
CA LEU A 248 5.34 -5.95 -11.04
C LEU A 248 4.85 -4.87 -10.09
N SER A 249 4.84 -5.18 -8.80
CA SER A 249 4.50 -4.17 -7.82
C SER A 249 5.62 -3.16 -7.72
N THR A 250 5.34 -2.03 -7.06
CA THR A 250 6.40 -1.07 -6.81
C THR A 250 7.39 -1.57 -5.78
N PHE A 251 7.05 -2.61 -5.04
CA PHE A 251 7.99 -3.24 -4.11
C PHE A 251 8.90 -4.22 -4.82
N ASP A 252 8.31 -5.08 -5.67
CA ASP A 252 9.10 -6.07 -6.37
C ASP A 252 10.17 -5.40 -7.20
N PHE A 253 9.80 -4.34 -7.92
CA PHE A 253 10.78 -3.57 -8.67
C PHE A 253 11.86 -3.00 -7.75
N LEU A 254 11.45 -2.39 -6.62
CA LEU A 254 12.43 -1.82 -5.70
C LEU A 254 13.39 -2.88 -5.19
N LYS A 255 12.91 -4.12 -4.99
CA LYS A 255 13.83 -5.15 -4.53
C LYS A 255 14.58 -5.80 -5.69
N ASP A 256 13.94 -5.96 -6.85
CA ASP A 256 14.75 -6.45 -7.98
C ASP A 256 15.73 -5.41 -8.53
N ASN A 257 15.93 -4.32 -7.79
CA ASN A 257 16.90 -3.28 -8.07
C ASN A 257 17.72 -3.02 -6.82
N ASN A 258 17.78 -4.02 -5.94
CA ASN A 258 18.62 -4.04 -4.75
C ASN A 258 18.23 -2.96 -3.74
N TYR A 259 16.94 -2.63 -3.70
CA TYR A 259 16.43 -1.66 -2.74
C TYR A 259 17.06 -0.29 -2.94
N LEU A 260 17.41 -0.01 -4.20
CA LEU A 260 17.87 1.31 -4.62
C LEU A 260 16.68 2.23 -4.82
N PRO A 261 16.61 3.36 -4.13
CA PRO A 261 15.38 4.17 -4.12
C PRO A 261 15.02 4.66 -5.51
N TYR A 262 13.77 5.05 -5.64
CA TYR A 262 13.46 5.65 -6.93
C TYR A 262 13.97 7.09 -6.97
N PRO A 263 14.39 7.59 -8.14
CA PRO A 263 14.78 9.00 -8.22
C PRO A 263 13.61 9.91 -7.88
N ILE A 264 13.92 11.08 -7.33
CA ILE A 264 12.90 11.90 -6.69
C ILE A 264 11.78 12.25 -7.66
N HIS A 265 12.09 12.49 -8.93
CA HIS A 265 11.03 12.86 -9.86
C HIS A 265 10.08 11.71 -10.14
N GLN A 266 10.54 10.47 -9.90
CA GLN A 266 9.65 9.32 -9.99
C GLN A 266 8.82 9.18 -8.72
N VAL A 267 9.45 9.38 -7.55
CA VAL A 267 8.74 9.48 -6.28
C VAL A 267 7.58 10.47 -6.39
N ARG A 268 7.76 11.54 -7.17
CA ARG A 268 6.73 12.57 -7.27
C ARG A 268 5.51 12.06 -8.04
N HIS A 269 5.71 11.49 -9.24
CA HIS A 269 4.55 11.00 -10.00
C HIS A 269 3.91 9.80 -9.29
N MET A 270 4.71 8.97 -8.63
CA MET A 270 4.15 7.83 -7.90
C MET A 270 3.34 8.31 -6.71
N ALA A 271 3.89 9.23 -5.91
CA ALA A 271 3.16 9.77 -4.77
C ALA A 271 1.87 10.45 -5.21
N PHE A 272 1.92 11.23 -6.28
CA PHE A 272 0.74 11.91 -6.78
C PHE A 272 -0.35 10.90 -7.14
N GLN A 273 0.01 9.90 -7.94
CA GLN A 273 -0.98 8.90 -8.33
C GLN A 273 -1.54 8.19 -7.11
N LEU A 274 -0.67 7.89 -6.14
CA LEU A 274 -1.11 7.24 -4.93
C LEU A 274 -2.18 8.08 -4.24
N CYS A 275 -1.89 9.36 -3.98
CA CYS A 275 -2.88 10.23 -3.35
C CYS A 275 -4.12 10.36 -4.21
N GLN A 276 -3.94 10.62 -5.50
CA GLN A 276 -5.05 10.71 -6.43
C GLN A 276 -6.01 9.53 -6.28
N ALA A 277 -5.48 8.31 -6.25
CA ALA A 277 -6.37 7.14 -6.26
C ALA A 277 -6.99 6.91 -4.90
N VAL A 278 -6.23 7.13 -3.82
CA VAL A 278 -6.79 6.95 -2.49
C VAL A 278 -7.75 8.09 -2.16
N LYS A 279 -7.56 9.28 -2.74
CA LYS A 279 -8.58 10.32 -2.57
C LYS A 279 -9.89 9.92 -3.24
N PHE A 280 -9.82 9.26 -4.40
CA PHE A 280 -11.04 8.83 -5.05
C PHE A 280 -11.82 7.87 -4.17
N LEU A 281 -11.12 7.08 -3.36
CA LEU A 281 -11.80 6.21 -2.41
C LEU A 281 -12.43 7.03 -1.29
N HIS A 282 -11.67 7.95 -0.68
CA HIS A 282 -12.20 8.77 0.41
C HIS A 282 -13.44 9.55 -0.02
N ASP A 283 -13.41 10.12 -1.24
CA ASP A 283 -14.59 10.80 -1.79
C ASP A 283 -15.74 9.85 -2.07
N ASN A 284 -15.56 8.55 -1.90
CA ASN A 284 -16.67 7.61 -2.01
C ASN A 284 -16.85 6.81 -0.73
N LYS A 285 -16.43 7.38 0.40
CA LYS A 285 -16.71 6.82 1.71
C LYS A 285 -16.09 5.44 1.85
N LEU A 286 -14.80 5.34 1.52
CA LEU A 286 -14.05 4.10 1.69
C LEU A 286 -12.74 4.37 2.39
N THR A 287 -12.17 3.31 2.95
CA THR A 287 -10.79 3.32 3.42
C THR A 287 -10.18 2.02 2.93
N HIS A 288 -9.21 2.12 2.02
CA HIS A 288 -8.44 0.95 1.64
C HIS A 288 -7.54 0.64 2.79
N THR A 289 -7.83 -0.41 3.51
CA THR A 289 -7.33 -0.38 4.87
C THR A 289 -5.86 -0.81 4.96
N ASP A 290 -5.25 -1.18 3.82
CA ASP A 290 -4.07 -2.02 3.75
C ASP A 290 -3.14 -1.54 2.64
N LEU A 291 -2.61 -0.33 2.78
CA LEU A 291 -1.75 0.24 1.75
C LEU A 291 -0.30 -0.15 1.99
N LYS A 292 0.34 -0.72 0.96
CA LYS A 292 1.75 -1.04 1.00
C LYS A 292 2.29 -1.04 -0.41
N PRO A 293 3.60 -0.89 -0.61
CA PRO A 293 4.13 -0.94 -1.97
C PRO A 293 3.74 -2.21 -2.69
N GLU A 294 3.45 -3.28 -1.94
CA GLU A 294 3.02 -4.54 -2.53
C GLU A 294 1.72 -4.40 -3.30
N ASN A 295 0.88 -3.43 -2.92
CA ASN A 295 -0.46 -3.28 -3.50
C ASN A 295 -0.53 -2.13 -4.51
N ILE A 296 0.61 -1.59 -4.91
CA ILE A 296 0.67 -0.53 -5.91
C ILE A 296 1.42 -1.13 -7.11
N LEU A 297 0.70 -1.40 -8.19
CA LEU A 297 1.27 -2.05 -9.35
C LEU A 297 1.62 -1.01 -10.40
N PHE A 298 2.82 -1.13 -10.96
CA PHE A 298 3.14 -0.43 -12.19
C PHE A 298 2.22 -0.94 -13.28
N VAL A 299 1.62 -0.02 -14.05
CA VAL A 299 0.85 -0.44 -15.22
C VAL A 299 1.73 -1.29 -16.11
N ASN A 300 3.02 -0.95 -16.16
CA ASN A 300 4.01 -1.63 -16.97
C ASN A 300 5.35 -1.38 -16.29
N SER A 301 6.06 -2.44 -15.92
CA SER A 301 7.32 -2.25 -15.20
C SER A 301 8.54 -2.54 -16.09
N ASP A 302 8.38 -2.49 -17.41
CA ASP A 302 9.52 -2.41 -18.29
C ASP A 302 10.43 -1.26 -17.86
N TYR A 303 11.73 -1.49 -17.94
CA TYR A 303 12.71 -0.56 -17.40
C TYR A 303 13.82 -0.40 -18.42
N GLU A 304 14.83 0.37 -18.06
CA GLU A 304 16.04 0.48 -18.86
C GLU A 304 17.25 0.34 -17.97
N LEU A 305 18.25 -0.36 -18.47
CA LEU A 305 19.51 -0.49 -17.78
C LEU A 305 20.46 0.59 -18.28
N THR A 306 21.18 1.18 -17.33
CA THR A 306 22.20 2.17 -17.63
C THR A 306 23.33 1.94 -16.64
N TYR A 307 24.55 2.20 -17.09
CA TYR A 307 25.69 2.09 -16.20
C TYR A 307 25.99 3.46 -15.63
N ASN A 308 26.15 3.51 -14.31
CA ASN A 308 26.51 4.73 -13.59
C ASN A 308 28.02 4.88 -13.60
N LEU A 309 28.53 5.83 -14.39
CA LEU A 309 29.95 6.13 -14.35
C LEU A 309 30.37 6.51 -12.95
N GLU A 310 29.68 7.51 -12.37
CA GLU A 310 29.99 7.99 -11.02
C GLU A 310 30.09 6.84 -10.03
N LYS A 311 29.00 6.09 -9.87
CA LYS A 311 28.86 5.17 -8.74
C LYS A 311 29.14 3.72 -9.10
N LYS A 312 29.73 3.46 -10.28
CA LYS A 312 30.12 2.14 -10.77
C LYS A 312 29.11 1.06 -10.42
N ARG A 313 27.96 1.10 -11.09
CA ARG A 313 26.76 0.39 -10.71
C ARG A 313 25.87 0.31 -11.94
N ASP A 314 25.13 -0.80 -12.05
CA ASP A 314 24.13 -0.95 -13.09
C ASP A 314 22.78 -0.56 -12.50
N GLU A 315 22.16 0.49 -13.06
CA GLU A 315 20.93 1.07 -12.53
C GLU A 315 19.77 0.78 -13.46
N ARG A 316 18.69 0.27 -12.89
CA ARG A 316 17.44 0.11 -13.63
C ARG A 316 16.57 1.35 -13.44
N SER A 317 15.85 1.72 -14.49
CA SER A 317 14.96 2.86 -14.44
C SER A 317 13.69 2.48 -15.18
N VAL A 318 12.58 2.32 -14.44
CA VAL A 318 11.34 1.93 -15.07
C VAL A 318 10.94 3.00 -16.09
N LYS A 319 10.42 2.56 -17.23
CA LYS A 319 10.19 3.47 -18.34
C LYS A 319 9.04 4.42 -18.06
N SER A 320 7.92 3.88 -17.58
CA SER A 320 6.76 4.68 -17.19
C SER A 320 6.39 4.38 -15.73
N THR A 321 5.95 5.42 -15.02
CA THR A 321 5.60 5.29 -13.60
C THR A 321 4.09 5.31 -13.35
N ALA A 322 3.28 5.00 -14.35
CA ALA A 322 1.87 4.89 -14.07
C ALA A 322 1.66 3.70 -13.13
N VAL A 323 0.93 3.91 -12.05
CA VAL A 323 0.60 2.85 -11.12
C VAL A 323 -0.90 2.60 -11.10
N ARG A 324 -1.29 1.49 -10.46
CA ARG A 324 -2.65 1.26 -9.97
C ARG A 324 -2.55 0.79 -8.52
N VAL A 325 -3.53 1.22 -7.69
CA VAL A 325 -3.76 0.62 -6.38
C VAL A 325 -4.59 -0.65 -6.52
N VAL A 326 -4.23 -1.70 -5.80
CA VAL A 326 -4.94 -2.97 -5.87
C VAL A 326 -5.25 -3.49 -4.46
N ASP A 327 -5.84 -4.69 -4.41
CA ASP A 327 -6.12 -5.45 -3.18
C ASP A 327 -7.13 -4.74 -2.28
N PHE A 328 -8.38 -4.80 -2.74
CA PHE A 328 -9.50 -4.21 -2.02
C PHE A 328 -10.17 -5.19 -1.06
N GLY A 329 -9.47 -6.27 -0.70
CA GLY A 329 -10.02 -7.28 0.17
C GLY A 329 -10.25 -6.80 1.58
N SER A 330 -9.68 -5.66 1.94
CA SER A 330 -9.79 -5.13 3.29
C SER A 330 -10.46 -3.76 3.38
N ALA A 331 -10.94 -3.22 2.25
CA ALA A 331 -11.48 -1.88 2.29
C ALA A 331 -12.89 -1.89 2.91
N THR A 332 -13.18 -0.81 3.62
CA THR A 332 -14.36 -0.69 4.47
C THR A 332 -15.12 0.58 4.10
N PHE A 333 -16.39 0.45 3.74
CA PHE A 333 -17.24 1.63 3.64
C PHE A 333 -17.35 2.29 5.02
N ASP A 334 -17.71 3.58 5.03
CA ASP A 334 -17.81 4.30 6.28
C ASP A 334 -18.89 3.73 7.19
N HIS A 335 -19.92 3.12 6.61
CA HIS A 335 -21.12 2.73 7.34
C HIS A 335 -21.12 1.29 7.81
N GLU A 336 -20.18 0.46 7.38
CA GLU A 336 -20.13 -0.94 7.77
C GLU A 336 -19.15 -1.15 8.96
N HIS A 337 -19.05 -2.41 9.40
CA HIS A 337 -18.27 -2.73 10.60
C HIS A 337 -16.77 -2.51 10.40
N HIS A 338 -16.12 -1.91 11.38
CA HIS A 338 -14.67 -1.67 11.33
C HIS A 338 -13.94 -2.71 12.15
N SER A 339 -13.01 -3.43 11.50
CA SER A 339 -12.06 -4.26 12.21
C SER A 339 -11.36 -3.43 13.28
N THR A 340 -10.80 -4.09 14.28
CA THR A 340 -10.10 -3.37 15.33
C THR A 340 -8.70 -2.98 14.87
N ILE A 341 -7.96 -3.95 14.35
CA ILE A 341 -6.61 -3.77 13.86
C ILE A 341 -6.63 -3.95 12.35
N VAL A 342 -6.11 -2.95 11.64
CA VAL A 342 -6.09 -2.97 10.19
C VAL A 342 -4.70 -2.57 9.74
N SER A 343 -4.42 -2.80 8.44
CA SER A 343 -3.13 -2.55 7.80
C SER A 343 -2.04 -3.53 8.22
N THR A 344 -0.85 -3.31 7.67
CA THR A 344 0.35 -4.10 7.89
C THR A 344 1.25 -3.30 8.82
N ARG A 345 1.69 -3.95 9.90
CA ARG A 345 2.35 -3.31 11.03
C ARG A 345 3.21 -2.10 10.65
N HIS A 346 4.03 -2.23 9.59
CA HIS A 346 4.97 -1.16 9.23
C HIS A 346 4.26 0.09 8.76
N TYR A 347 3.09 -0.07 8.13
CA TYR A 347 2.29 1.03 7.58
C TYR A 347 1.09 1.35 8.45
N ARG A 348 1.12 0.98 9.73
CA ARG A 348 -0.06 1.08 10.58
C ARG A 348 -0.06 2.39 11.36
N ALA A 349 -1.20 3.08 11.36
CA ALA A 349 -1.33 4.38 11.98
C ALA A 349 -1.43 4.26 13.50
N PRO A 350 -0.94 5.24 14.24
CA PRO A 350 -0.98 5.16 15.71
C PRO A 350 -2.37 5.08 16.30
N GLU A 351 -3.37 5.70 15.69
CA GLU A 351 -4.74 5.60 16.20
C GLU A 351 -5.22 4.16 16.18
N VAL A 352 -4.78 3.41 15.16
CA VAL A 352 -5.12 2.00 15.09
C VAL A 352 -4.44 1.24 16.22
N ILE A 353 -3.20 1.62 16.51
CA ILE A 353 -2.41 0.94 17.52
C ILE A 353 -3.00 1.18 18.91
N LEU A 354 -3.37 2.43 19.18
CA LEU A 354 -3.93 2.83 20.46
C LEU A 354 -5.44 2.65 20.53
N GLU A 355 -6.05 1.94 19.56
CA GLU A 355 -7.47 1.61 19.57
C GLU A 355 -8.35 2.86 19.73
N LEU A 356 -7.89 4.00 19.18
CA LEU A 356 -8.63 5.26 19.31
C LEU A 356 -9.73 5.42 18.28
N GLY A 357 -9.90 4.46 17.38
CA GLY A 357 -10.87 4.62 16.31
C GLY A 357 -10.21 5.14 15.06
N TRP A 358 -10.53 4.54 13.93
CA TRP A 358 -9.88 4.90 12.68
C TRP A 358 -10.90 5.05 11.57
N SER A 359 -10.55 5.88 10.59
CA SER A 359 -11.24 5.93 9.29
C SER A 359 -10.21 6.39 8.26
N GLN A 360 -10.68 7.12 7.23
CA GLN A 360 -9.80 7.55 6.15
C GLN A 360 -8.43 8.08 6.60
N PRO A 361 -8.29 8.90 7.65
CA PRO A 361 -6.96 9.45 7.93
C PRO A 361 -5.89 8.41 8.02
N CYS A 362 -6.23 7.18 8.43
CA CYS A 362 -5.20 6.17 8.62
C CYS A 362 -4.58 5.71 7.29
N ASP A 363 -5.27 5.90 6.16
CA ASP A 363 -4.65 5.66 4.87
C ASP A 363 -3.53 6.64 4.60
N VAL A 364 -3.74 7.91 4.96
CA VAL A 364 -2.72 8.92 4.71
C VAL A 364 -1.43 8.54 5.42
N TRP A 365 -1.52 8.09 6.68
CA TRP A 365 -0.36 7.56 7.40
C TRP A 365 0.37 6.52 6.54
N SER A 366 -0.37 5.51 6.08
CA SER A 366 0.24 4.52 5.20
C SER A 366 0.98 5.20 4.07
N ILE A 367 0.29 6.11 3.35
CA ILE A 367 0.86 6.74 2.17
C ILE A 367 2.15 7.47 2.52
N GLY A 368 2.17 8.14 3.68
CA GLY A 368 3.39 8.78 4.11
C GLY A 368 4.53 7.80 4.32
N CYS A 369 4.20 6.57 4.71
CA CYS A 369 5.25 5.59 4.94
C CYS A 369 5.78 5.06 3.62
N ILE A 370 4.86 4.76 2.70
CA ILE A 370 5.26 4.29 1.38
C ILE A 370 6.15 5.32 0.67
N ILE A 371 5.79 6.60 0.77
CA ILE A 371 6.60 7.65 0.13
C ILE A 371 8.03 7.63 0.66
N PHE A 372 8.19 7.62 1.99
CA PHE A 372 9.51 7.49 2.59
C PHE A 372 10.27 6.30 1.99
N GLU A 373 9.61 5.13 1.90
CA GLU A 373 10.27 3.94 1.38
C GLU A 373 10.68 4.10 -0.08
N TYR A 374 9.78 4.64 -0.91
CA TYR A 374 10.12 5.00 -2.27
C TYR A 374 11.41 5.83 -2.36
N TYR A 375 11.61 6.70 -1.38
CA TYR A 375 12.71 7.66 -1.44
C TYR A 375 14.01 7.13 -0.85
N VAL A 376 13.99 6.10 -0.02
CA VAL A 376 15.24 5.54 0.48
C VAL A 376 15.41 4.07 0.21
N GLY A 377 14.33 3.29 0.04
CA GLY A 377 14.41 1.88 -0.25
C GLY A 377 14.00 0.97 0.90
N PHE A 378 14.10 1.44 2.14
CA PHE A 378 13.77 0.61 3.29
C PHE A 378 12.56 1.18 4.03
N THR A 379 11.81 0.30 4.69
CA THR A 379 10.61 0.72 5.40
C THR A 379 10.98 1.62 6.58
N LEU A 380 10.10 2.55 6.90
CA LEU A 380 10.43 3.52 7.93
C LEU A 380 10.40 2.87 9.31
N PHE A 381 9.37 2.07 9.58
CA PHE A 381 9.21 1.36 10.85
C PHE A 381 9.44 -0.12 10.61
N GLN A 382 10.47 -0.66 11.24
CA GLN A 382 10.89 -2.05 11.07
C GLN A 382 10.79 -2.74 12.43
N THR A 383 9.58 -3.20 12.76
CA THR A 383 9.26 -3.76 14.07
C THR A 383 8.15 -4.78 13.91
N HIS A 384 7.84 -5.46 15.02
CA HIS A 384 6.64 -6.27 15.09
C HIS A 384 6.06 -6.26 16.50
N ASP A 385 6.46 -5.29 17.31
CA ASP A 385 6.02 -5.15 18.69
C ASP A 385 5.45 -3.74 18.89
N ASN A 386 4.36 -3.66 19.64
CA ASN A 386 3.69 -2.37 19.84
C ASN A 386 4.60 -1.36 20.52
N ARG A 387 5.14 -1.70 21.68
CA ARG A 387 5.88 -0.70 22.45
C ARG A 387 7.11 -0.23 21.68
N GLU A 388 7.77 -1.13 20.96
CA GLU A 388 8.89 -0.71 20.13
C GLU A 388 8.42 0.24 19.05
N HIS A 389 7.40 -0.17 18.28
CA HIS A 389 6.71 0.68 17.31
C HIS A 389 6.42 2.07 17.87
N LEU A 390 5.63 2.14 18.93
CA LEU A 390 5.32 3.44 19.53
C LEU A 390 6.58 4.20 19.92
N ALA A 391 7.66 3.48 20.25
CA ALA A 391 8.91 4.12 20.64
C ALA A 391 9.67 4.63 19.41
N MET A 392 9.61 3.91 18.30
CA MET A 392 10.22 4.36 17.07
C MET A 392 9.57 5.64 16.58
N MET A 393 8.23 5.67 16.57
CA MET A 393 7.52 6.90 16.24
C MET A 393 8.00 8.07 17.08
N GLU A 394 8.26 7.84 18.38
CA GLU A 394 8.69 8.97 19.19
C GLU A 394 10.11 9.37 18.84
N ARG A 395 10.90 8.41 18.38
CA ARG A 395 12.25 8.71 17.91
C ARG A 395 12.19 9.53 16.63
N ILE A 396 11.37 9.08 15.68
CA ILE A 396 11.36 9.63 14.33
C ILE A 396 10.51 10.89 14.24
N LEU A 397 9.47 11.02 15.06
CA LEU A 397 8.55 12.13 14.99
C LEU A 397 8.46 12.96 16.26
N GLY A 398 9.20 12.61 17.32
CA GLY A 398 9.06 13.29 18.58
C GLY A 398 7.88 12.75 19.35
N PRO A 399 7.64 13.29 20.55
CA PRO A 399 6.73 12.64 21.50
C PRO A 399 5.29 12.65 21.04
N ILE A 400 4.58 11.59 21.43
CA ILE A 400 3.15 11.47 21.16
C ILE A 400 2.40 12.58 21.89
N PRO A 401 1.42 13.23 21.27
CA PRO A 401 0.67 14.27 21.99
C PRO A 401 -0.14 13.69 23.14
N SER A 402 -0.26 14.49 24.19
CA SER A 402 -0.95 14.05 25.40
C SER A 402 -2.44 13.83 25.17
N ARG A 403 -3.08 14.61 24.28
CA ARG A 403 -4.47 14.34 23.89
C ARG A 403 -4.66 12.87 23.55
N MET A 404 -3.71 12.29 22.83
CA MET A 404 -3.84 10.89 22.42
C MET A 404 -3.60 9.94 23.58
N ILE A 405 -2.62 10.25 24.43
CA ILE A 405 -2.28 9.38 25.55
C ILE A 405 -3.47 9.27 26.50
N ARG A 406 -4.00 10.42 26.96
CA ARG A 406 -5.01 10.40 28.01
C ARG A 406 -6.26 9.69 27.54
N LYS A 407 -6.52 9.71 26.25
CA LYS A 407 -7.73 9.13 25.70
C LYS A 407 -7.58 7.64 25.37
N THR A 408 -6.36 7.13 25.17
CA THR A 408 -6.24 5.73 24.75
C THR A 408 -6.44 4.82 25.94
N ARG A 409 -7.24 3.76 25.74
CA ARG A 409 -7.37 2.67 26.71
C ARG A 409 -6.18 1.72 26.74
N LYS A 410 -5.18 1.90 25.87
CA LYS A 410 -3.99 1.07 25.90
C LYS A 410 -2.97 1.65 26.89
N GLN A 411 -3.39 1.72 28.15
CA GLN A 411 -2.61 2.48 29.12
C GLN A 411 -1.36 1.75 29.63
N LYS A 412 -1.21 0.44 29.38
CA LYS A 412 -0.03 -0.29 29.81
C LYS A 412 1.24 0.16 29.10
N TYR A 413 1.13 0.98 28.06
CA TYR A 413 2.32 1.45 27.37
C TYR A 413 2.83 2.78 27.91
N PHE A 414 2.15 3.38 28.88
CA PHE A 414 2.52 4.71 29.33
C PHE A 414 2.55 4.76 30.85
N TYR A 415 3.44 5.60 31.36
CA TYR A 415 3.62 5.84 32.78
C TYR A 415 3.68 7.35 33.00
N ARG A 416 2.79 7.85 33.85
CA ARG A 416 2.82 9.27 34.26
C ARG A 416 2.76 10.19 33.04
N GLY A 417 1.78 9.93 32.17
CA GLY A 417 1.49 10.77 31.03
C GLY A 417 2.39 10.62 29.82
N ARG A 418 3.49 9.90 29.92
CA ARG A 418 4.41 9.81 28.80
C ARG A 418 4.57 8.37 28.36
N LEU A 419 5.17 8.18 27.19
CA LEU A 419 5.41 6.82 26.70
C LEU A 419 6.33 6.10 27.66
N ASP A 420 5.90 4.94 28.14
CA ASP A 420 6.76 4.19 29.05
C ASP A 420 7.82 3.50 28.23
N TRP A 421 8.97 4.15 28.12
CA TRP A 421 10.07 3.60 27.36
C TRP A 421 11.35 4.17 27.92
N ASP A 422 12.27 3.28 28.23
CA ASP A 422 13.56 3.65 28.78
C ASP A 422 14.57 3.50 27.65
N GLU A 423 15.12 4.63 27.19
CA GLU A 423 16.11 4.60 26.12
C GLU A 423 17.38 3.88 26.53
N ASN A 424 17.68 3.87 27.83
CA ASN A 424 18.90 3.24 28.37
C ASN A 424 18.64 1.77 28.73
N THR A 425 18.33 0.97 27.72
CA THR A 425 18.01 -0.46 27.93
C THR A 425 18.53 -1.29 26.75
N SER A 426 18.02 -2.53 26.68
CA SER A 426 18.20 -3.43 25.55
C SER A 426 17.54 -2.88 24.28
N ALA A 427 16.20 -2.87 24.26
CA ALA A 427 15.48 -2.34 23.11
C ALA A 427 15.57 -0.82 23.02
N GLY A 428 15.82 -0.13 24.14
CA GLY A 428 15.82 1.32 24.13
C GLY A 428 16.89 1.91 23.23
N ARG A 429 18.11 1.39 23.33
CA ARG A 429 19.20 1.83 22.47
C ARG A 429 19.28 1.06 21.15
N TYR A 430 18.56 -0.06 21.01
CA TYR A 430 18.35 -0.55 19.66
C TYR A 430 17.51 0.43 18.85
N VAL A 431 16.49 1.03 19.46
CA VAL A 431 15.66 1.99 18.74
C VAL A 431 16.43 3.27 18.44
N ARG A 432 17.16 3.79 19.42
CA ARG A 432 17.86 5.06 19.19
C ARG A 432 19.02 4.89 18.21
N GLU A 433 19.57 3.68 18.08
CA GLU A 433 20.66 3.47 17.13
C GLU A 433 20.15 3.16 15.74
N ASN A 434 18.97 2.55 15.62
CA ASN A 434 18.51 2.05 14.33
C ASN A 434 17.47 2.95 13.66
N CYS A 435 17.14 4.12 14.21
CA CYS A 435 16.42 5.12 13.43
C CYS A 435 16.56 6.50 14.06
N LYS A 436 16.39 7.53 13.22
CA LYS A 436 16.74 8.91 13.55
C LYS A 436 15.52 9.80 13.39
N PRO A 437 15.57 11.05 13.84
CA PRO A 437 14.53 12.01 13.46
C PRO A 437 14.34 12.04 11.95
N LEU A 438 13.12 12.36 11.53
CA LEU A 438 12.72 12.15 10.14
C LEU A 438 13.66 12.87 9.17
N ARG A 439 13.76 14.19 9.28
CA ARG A 439 14.49 14.98 8.29
C ARG A 439 15.96 14.61 8.18
N ARG A 440 16.52 13.86 9.13
CA ARG A 440 17.88 13.38 8.95
C ARG A 440 17.98 12.31 7.85
N TYR A 441 16.86 11.76 7.38
CA TYR A 441 16.93 10.84 6.25
C TYR A 441 17.07 11.56 4.91
N LEU A 442 16.93 12.88 4.88
CA LEU A 442 17.20 13.68 3.69
C LEU A 442 18.57 13.36 3.11
N THR A 443 18.62 13.14 1.79
CA THR A 443 19.87 12.85 1.09
C THR A 443 20.36 14.05 0.25
N SER A 444 19.83 15.25 0.52
CA SER A 444 20.06 16.46 -0.26
C SER A 444 19.36 17.63 0.40
N GLU A 445 20.00 18.80 0.46
CA GLU A 445 19.33 19.99 0.99
C GLU A 445 18.64 20.80 -0.10
N ALA A 446 18.58 20.28 -1.33
CA ALA A 446 17.83 20.96 -2.38
C ALA A 446 16.39 21.20 -1.94
N GLU A 447 15.83 22.35 -2.34
CA GLU A 447 14.51 22.70 -1.85
C GLU A 447 13.47 21.68 -2.25
N GLU A 448 13.66 21.02 -3.40
CA GLU A 448 12.70 20.00 -3.78
C GLU A 448 12.74 18.82 -2.82
N HIS A 449 13.91 18.51 -2.25
CA HIS A 449 13.95 17.43 -1.26
C HIS A 449 13.32 17.88 0.07
N HIS A 450 13.59 19.12 0.49
CA HIS A 450 12.90 19.62 1.67
C HIS A 450 11.40 19.71 1.48
N GLN A 451 10.91 19.77 0.23
CA GLN A 451 9.46 19.78 -0.01
C GLN A 451 8.86 18.39 0.08
N LEU A 452 9.65 17.37 -0.27
CA LEU A 452 9.18 16.00 -0.10
C LEU A 452 9.06 15.65 1.38
N PHE A 453 10.02 16.09 2.20
CA PHE A 453 9.88 15.78 3.62
C PHE A 453 8.90 16.70 4.33
N ASP A 454 8.74 17.93 3.84
CA ASP A 454 7.57 18.72 4.24
C ASP A 454 6.29 17.92 4.02
N LEU A 455 6.19 17.20 2.89
CA LEU A 455 4.99 16.41 2.62
C LEU A 455 4.87 15.23 3.57
N ILE A 456 5.91 14.39 3.60
CA ILE A 456 5.91 13.20 4.45
C ILE A 456 5.60 13.57 5.89
N GLU A 457 6.13 14.70 6.37
CA GLU A 457 5.86 15.11 7.73
C GLU A 457 4.39 15.40 7.97
N SER A 458 3.65 15.85 6.96
CA SER A 458 2.26 16.20 7.18
C SER A 458 1.33 15.01 7.11
N MET A 459 1.78 13.91 6.52
CA MET A 459 1.00 12.68 6.53
C MET A 459 1.34 11.79 7.70
N LEU A 460 2.55 11.95 8.27
CA LEU A 460 2.93 11.28 9.52
C LEU A 460 2.71 12.18 10.72
N GLU A 461 1.56 12.83 10.75
CA GLU A 461 1.09 13.58 11.90
C GLU A 461 0.37 12.61 12.82
N TYR A 462 0.55 12.79 14.13
CA TYR A 462 -0.09 11.90 15.11
C TYR A 462 -1.60 12.04 15.10
N GLU A 463 -2.11 13.20 15.50
CA GLU A 463 -3.55 13.38 15.59
C GLU A 463 -4.19 13.17 14.22
N PRO A 464 -5.13 12.24 14.09
CA PRO A 464 -5.72 11.98 12.77
C PRO A 464 -6.36 13.18 12.12
N ALA A 465 -6.87 14.14 12.89
CA ALA A 465 -7.52 15.31 12.30
C ALA A 465 -6.55 16.44 12.05
N LYS A 466 -5.43 16.49 12.77
CA LYS A 466 -4.32 17.32 12.31
C LYS A 466 -3.66 16.74 11.08
N ARG A 467 -4.03 15.52 10.72
CA ARG A 467 -3.38 14.86 9.60
C ARG A 467 -3.85 15.43 8.27
N LEU A 468 -2.88 15.69 7.40
CA LEU A 468 -3.15 16.09 6.02
C LEU A 468 -4.19 15.18 5.38
N THR A 469 -5.08 15.79 4.59
CA THR A 469 -6.03 15.05 3.79
C THR A 469 -5.50 14.93 2.37
N LEU A 470 -6.04 13.96 1.64
CA LEU A 470 -5.57 13.76 0.27
C LEU A 470 -5.98 14.92 -0.63
N GLY A 471 -7.16 15.47 -0.43
CA GLY A 471 -7.51 16.72 -1.09
C GLY A 471 -6.40 17.76 -0.97
N GLU A 472 -6.01 18.10 0.26
CA GLU A 472 -4.96 19.08 0.43
C GLU A 472 -3.60 18.56 0.01
N ALA A 473 -3.48 17.26 -0.28
CA ALA A 473 -2.19 16.70 -0.67
C ALA A 473 -1.96 16.84 -2.18
N LEU A 474 -3.02 16.69 -2.98
CA LEU A 474 -2.94 16.96 -4.40
C LEU A 474 -2.62 18.41 -4.68
N GLN A 475 -2.76 19.28 -3.69
CA GLN A 475 -2.43 20.69 -3.78
C GLN A 475 -1.13 21.02 -3.08
N HIS A 476 -0.34 20.03 -2.73
CA HIS A 476 0.84 20.34 -1.95
C HIS A 476 1.94 20.90 -2.86
N PRO A 477 2.75 21.83 -2.35
CA PRO A 477 3.90 22.35 -3.13
C PRO A 477 4.78 21.29 -3.74
N PHE A 478 4.91 20.13 -3.11
CA PHE A 478 5.82 19.13 -3.63
C PHE A 478 5.42 18.67 -5.03
N PHE A 479 4.13 18.69 -5.35
CA PHE A 479 3.61 18.22 -6.62
C PHE A 479 3.50 19.32 -7.68
N ALA A 480 4.11 20.49 -7.45
CA ALA A 480 4.02 21.58 -8.41
C ALA A 480 4.73 21.24 -9.72
N ARG A 481 5.96 20.70 -9.62
CA ARG A 481 6.77 20.33 -10.78
C ARG A 481 6.08 19.34 -11.72
N LEU A 482 5.02 18.69 -11.29
CA LEU A 482 4.31 17.80 -12.20
C LEU A 482 3.56 18.60 -13.25
N ARG A 483 3.37 18.02 -14.42
CA ARG A 483 2.47 18.59 -15.41
C ARG A 483 1.05 18.15 -15.13
N ALA A 484 0.13 19.10 -14.96
CA ALA A 484 -1.27 18.72 -14.82
C ALA A 484 -1.81 18.20 -16.16
N GLU A 485 -3.05 17.71 -16.15
CA GLU A 485 -3.58 17.03 -17.35
C GLU A 485 -4.92 17.56 -17.90
C1 3NG B . -2.67 -8.38 -8.73
C2 3NG B . -3.21 -7.99 -9.93
C3 3NG B . -4.53 -7.48 -10.01
C4 3NG B . -5.29 -7.36 -8.85
C5 3NG B . -4.75 -7.76 -7.62
C6 3NG B . -3.44 -8.27 -7.56
C7 3NG B . -1.18 -8.60 -11.02
C8 3NG B . -2.42 -8.11 -11.09
N9 3NG B . -1.38 -8.87 -8.66
C10 3NG B . -0.62 -9.00 -9.80
C11 3NG B . -0.90 -8.34 -13.35
N12 3NG B . -2.17 -7.86 -13.44
C13 3NG B . -2.95 -7.72 -12.33
C14 3NG B . -0.38 -8.71 -12.13
N15 3NG B . 0.62 -9.51 -9.30
C16 3NG B . 0.94 -10.37 -8.22
C17 3NG B . 0.03 -11.19 -7.62
C18 3NG B . 0.42 -11.99 -6.58
C19 3NG B . 1.72 -12.00 -6.11
C20 3NG B . 2.64 -11.20 -6.72
C21 3NG B . 2.25 -10.38 -7.77
CL22 3NG B . -0.78 -12.98 -5.83
C23 3NG B . -5.70 -7.56 -6.44
O24 3NG B . -6.64 -6.72 -6.54
O25 3NG B . -5.52 -8.19 -5.34
#